data_7B81
#
_entry.id   7B81
#
_cell.length_a   68.507
_cell.length_b   95.500
_cell.length_c   70.934
_cell.angle_alpha   90.000
_cell.angle_beta   90.000
_cell.angle_gamma   90.000
#
_symmetry.space_group_name_H-M   'P 21 21 2'
#
loop_
_entity.id
_entity.type
_entity.pdbx_description
1 polymer 'Short-chain dehydrogenase/reductase SDR'
2 non-polymer NICOTINAMIDE-ADENINE-DINUCLEOTIDE
3 water water
#
_entity_poly.entity_id   1
_entity_poly.type   'polypeptide(L)'
_entity_poly.pdbx_seq_one_letter_code
;MRGSHHHHHHGSLLIDKTVIVTGASRGIGRAAARECARQGARVVIGHSGSDEGRAGALSLAEEIAAFGGTAIAVGADAAD
LDSGEKLVAAAVEAFGSVDVLVNNAGICPFHSFLDMPRELYLKTVGTNLNGAYFTVQAAARRMKEQGRGGAIIAVSSISA
LVGGAMQTHYTPTKAGLLSLMQSCAIALGPYGIRCNAVLPGTIATDINKEDLSDLEKRERMTSRVPLGRLGEPDDLAGPI
VFLASDMARYVTGASLLVDGGLFVNLQ
;
_entity_poly.pdbx_strand_id   A,B
#
loop_
_chem_comp.id
_chem_comp.type
_chem_comp.name
_chem_comp.formula
NAD non-polymer NICOTINAMIDE-ADENINE-DINUCLEOTIDE 'C21 H27 N7 O14 P2'
#
# COMPACT_ATOMS: atom_id res chain seq x y z
N SER A 12 1.84 2.28 18.64
CA SER A 12 1.18 3.40 17.99
C SER A 12 2.17 4.16 17.11
N LEU A 13 1.80 4.38 15.86
CA LEU A 13 2.76 4.70 14.82
C LEU A 13 2.70 6.15 14.35
N LEU A 14 1.99 7.01 15.05
CA LEU A 14 1.95 8.44 14.71
C LEU A 14 2.09 9.28 15.97
N ILE A 15 3.03 8.89 16.84
CA ILE A 15 3.12 9.48 18.18
C ILE A 15 3.35 10.99 18.10
N ASP A 16 4.48 11.41 17.52
CA ASP A 16 4.81 12.83 17.52
C ASP A 16 4.04 13.61 16.46
N LYS A 17 3.49 12.93 15.46
CA LYS A 17 2.99 13.60 14.27
C LYS A 17 1.70 14.36 14.55
N THR A 18 1.47 15.37 13.72
CA THR A 18 0.24 16.16 13.72
C THR A 18 -0.42 16.00 12.36
N VAL A 19 -1.66 15.52 12.36
CA VAL A 19 -2.36 15.13 11.15
C VAL A 19 -3.50 16.11 10.88
N ILE A 20 -3.57 16.61 9.64
CA ILE A 20 -4.70 17.40 9.16
C ILE A 20 -5.51 16.54 8.22
N VAL A 21 -6.79 16.32 8.55
CA VAL A 21 -7.68 15.50 7.75
C VAL A 21 -8.85 16.37 7.33
N THR A 22 -8.94 16.68 6.03
CA THR A 22 -10.10 17.38 5.53
C THR A 22 -11.28 16.42 5.41
N GLY A 23 -12.48 16.99 5.41
CA GLY A 23 -13.69 16.17 5.32
C GLY A 23 -13.73 15.05 6.33
N ALA A 24 -13.35 15.33 7.57
CA ALA A 24 -13.35 14.32 8.61
C ALA A 24 -14.62 14.30 9.44
N SER A 25 -15.60 15.14 9.10
CA SER A 25 -16.85 15.14 9.86
C SER A 25 -17.60 13.83 9.70
N ARG A 26 -17.56 13.23 8.52
CA ARG A 26 -18.26 11.97 8.28
C ARG A 26 -17.48 11.14 7.28
N GLY A 27 -17.80 9.84 7.26
CA GLY A 27 -17.30 8.97 6.21
C GLY A 27 -15.86 8.54 6.41
N ILE A 28 -15.15 8.41 5.29
CA ILE A 28 -13.77 7.94 5.33
C ILE A 28 -12.92 8.88 6.17
N GLY A 29 -13.14 10.19 6.04
CA GLY A 29 -12.33 11.14 6.78
C GLY A 29 -12.45 10.98 8.29
N ARG A 30 -13.67 10.68 8.76
CA ARG A 30 -13.87 10.50 10.20
C ARG A 30 -13.12 9.28 10.71
N ALA A 31 -13.26 8.15 10.03
CA ALA A 31 -12.58 6.92 10.48
C ALA A 31 -11.06 7.08 10.41
N ALA A 32 -10.56 7.76 9.37
CA ALA A 32 -9.12 7.96 9.26
C ALA A 32 -8.60 8.87 10.37
N ALA A 33 -9.30 9.97 10.63
CA ALA A 33 -8.91 10.85 11.71
C ALA A 33 -9.02 10.17 13.07
N ARG A 34 -9.95 9.23 13.22
CA ARG A 34 -10.08 8.52 14.48
C ARG A 34 -8.92 7.54 14.68
N GLU A 35 -8.54 6.81 13.63
CA GLU A 35 -7.50 5.80 13.78
C GLU A 35 -6.11 6.41 13.95
N CYS A 36 -5.86 7.56 13.33
CA CYS A 36 -4.58 8.24 13.49
C CYS A 36 -4.36 8.66 14.94
N ALA A 37 -5.39 9.25 15.54
CA ALA A 37 -5.28 9.68 16.93
C ALA A 37 -5.11 8.49 17.88
N ARG A 38 -5.72 7.34 17.57
CA ARG A 38 -5.44 6.16 18.37
C ARG A 38 -4.02 5.65 18.15
N GLN A 39 -3.39 6.04 17.04
CA GLN A 39 -1.96 5.79 16.83
C GLN A 39 -1.09 6.89 17.45
N GLY A 40 -1.68 7.77 18.24
CA GLY A 40 -0.94 8.77 18.97
C GLY A 40 -0.83 10.13 18.30
N ALA A 41 -1.64 10.41 17.29
CA ALA A 41 -1.49 11.62 16.52
C ALA A 41 -2.30 12.77 17.11
N ARG A 42 -1.87 13.98 16.78
CA ARG A 42 -2.61 15.21 17.09
C ARG A 42 -3.42 15.58 15.85
N VAL A 43 -4.71 15.34 15.90
CA VAL A 43 -5.56 15.42 14.71
C VAL A 43 -6.17 16.81 14.60
N VAL A 44 -6.33 17.27 13.36
CA VAL A 44 -7.04 18.50 13.05
C VAL A 44 -8.13 18.09 12.06
N ILE A 45 -9.34 17.86 12.56
CA ILE A 45 -10.45 17.39 11.71
C ILE A 45 -11.12 18.63 11.10
N GLY A 46 -10.68 18.98 9.90
CA GLY A 46 -11.41 19.96 9.13
C GLY A 46 -12.77 19.44 8.72
N HIS A 47 -13.67 20.36 8.39
CA HIS A 47 -15.02 19.95 7.99
C HIS A 47 -15.61 21.03 7.08
N SER A 48 -16.90 20.87 6.77
CA SER A 48 -17.59 21.71 5.79
C SER A 48 -17.77 23.14 6.25
N GLY A 49 -17.67 23.40 7.56
CA GLY A 49 -18.24 24.59 8.14
C GLY A 49 -19.71 24.48 8.44
N SER A 50 -20.39 23.49 7.86
CA SER A 50 -21.76 23.18 8.22
C SER A 50 -21.85 22.84 9.71
N ASP A 51 -23.04 23.06 10.28
CA ASP A 51 -23.26 22.61 11.64
C ASP A 51 -23.53 21.12 11.71
N GLU A 52 -23.94 20.51 10.58
CA GLU A 52 -23.92 19.05 10.49
C GLU A 52 -22.50 18.54 10.41
N GLY A 53 -21.59 19.31 9.81
CA GLY A 53 -20.19 18.96 9.76
C GLY A 53 -19.46 19.32 11.05
N ARG A 54 -19.81 20.47 11.63
CA ARG A 54 -19.19 20.87 12.89
C ARG A 54 -19.55 19.90 14.01
N ALA A 55 -20.82 19.50 14.10
CA ALA A 55 -21.24 18.57 15.14
C ALA A 55 -20.53 17.24 15.01
N GLY A 56 -20.43 16.71 13.78
CA GLY A 56 -19.70 15.47 13.58
C GLY A 56 -18.24 15.60 13.96
N ALA A 57 -17.59 16.70 13.57
CA ALA A 57 -16.21 16.94 13.97
C ALA A 57 -16.10 17.07 15.49
N LEU A 58 -16.95 17.90 16.09
CA LEU A 58 -16.93 18.07 17.53
C LEU A 58 -17.24 16.75 18.24
N SER A 59 -18.18 15.98 17.69
CA SER A 59 -18.45 14.65 18.25
C SER A 59 -17.23 13.75 18.13
N LEU A 60 -16.59 13.74 16.95
CA LEU A 60 -15.36 12.98 16.78
C LEU A 60 -14.27 13.48 17.72
N ALA A 61 -14.14 14.80 17.85
CA ALA A 61 -13.17 15.37 18.79
C ALA A 61 -13.44 14.87 20.21
N GLU A 62 -14.70 14.90 20.64
CA GLU A 62 -15.04 14.36 21.95
C GLU A 62 -14.82 12.85 22.01
N GLU A 63 -15.05 12.15 20.90
CA GLU A 63 -14.87 10.70 20.89
C GLU A 63 -13.42 10.32 21.18
N ILE A 64 -12.47 10.97 20.50
CA ILE A 64 -11.08 10.60 20.74
C ILE A 64 -10.59 11.20 22.05
N ALA A 65 -11.17 12.32 22.48
CA ALA A 65 -10.87 12.84 23.81
C ALA A 65 -11.21 11.85 24.91
N ALA A 66 -12.10 10.88 24.64
CA ALA A 66 -12.60 9.96 25.65
C ALA A 66 -11.64 8.82 25.98
N PHE A 67 -10.59 8.61 25.18
CA PHE A 67 -9.67 7.50 25.46
C PHE A 67 -8.21 7.91 25.24
N GLY A 68 -7.88 9.18 25.41
CA GLY A 68 -6.51 9.62 25.48
C GLY A 68 -5.94 10.27 24.23
N GLY A 69 -6.78 10.89 23.40
CA GLY A 69 -6.33 11.51 22.17
C GLY A 69 -6.56 13.02 22.18
N THR A 70 -5.99 13.68 21.19
CA THR A 70 -6.07 15.13 21.05
C THR A 70 -6.58 15.49 19.66
N ALA A 71 -7.40 16.53 19.58
CA ALA A 71 -7.96 16.97 18.31
C ALA A 71 -8.67 18.30 18.48
N ILE A 72 -8.69 19.08 17.40
CA ILE A 72 -9.47 20.32 17.29
C ILE A 72 -10.46 20.14 16.14
N ALA A 73 -11.14 21.22 15.75
CA ALA A 73 -12.10 21.20 14.65
C ALA A 73 -12.07 22.53 13.94
N VAL A 74 -11.80 22.52 12.64
CA VAL A 74 -11.59 23.74 11.85
C VAL A 74 -12.52 23.69 10.64
N GLY A 75 -13.54 24.55 10.65
CA GLY A 75 -14.42 24.67 9.50
C GLY A 75 -13.72 25.35 8.35
N ALA A 76 -13.57 24.65 7.23
CA ALA A 76 -12.86 25.20 6.07
C ALA A 76 -13.46 24.61 4.81
N ASP A 77 -14.07 25.46 3.99
CA ASP A 77 -14.61 25.01 2.71
C ASP A 77 -13.47 24.70 1.75
N ALA A 78 -13.42 23.45 1.28
CA ALA A 78 -12.37 23.05 0.35
C ALA A 78 -12.46 23.79 -0.97
N ALA A 79 -13.67 24.16 -1.40
CA ALA A 79 -13.81 24.98 -2.60
C ALA A 79 -13.15 26.33 -2.43
N ASP A 80 -13.05 26.81 -1.19
CA ASP A 80 -12.33 28.05 -0.88
C ASP A 80 -10.85 27.72 -0.71
N LEU A 81 -10.02 28.22 -1.63
CA LEU A 81 -8.61 27.84 -1.64
C LEU A 81 -7.82 28.48 -0.50
N ASP A 82 -8.36 29.52 0.14
CA ASP A 82 -7.73 30.03 1.35
C ASP A 82 -7.77 29.02 2.49
N SER A 83 -8.64 28.01 2.39
CA SER A 83 -8.76 27.01 3.46
C SER A 83 -7.45 26.29 3.70
N GLY A 84 -6.61 26.18 2.68
CA GLY A 84 -5.28 25.62 2.85
C GLY A 84 -4.53 26.30 3.97
N GLU A 85 -4.16 27.57 3.78
CA GLU A 85 -3.45 28.31 4.81
C GLU A 85 -4.27 28.44 6.09
N LYS A 86 -5.59 28.30 6.02
CA LYS A 86 -6.41 28.32 7.22
C LYS A 86 -6.16 27.09 8.08
N LEU A 87 -6.29 25.90 7.48
CA LEU A 87 -6.04 24.67 8.23
C LEU A 87 -4.60 24.57 8.70
N VAL A 88 -3.66 25.14 7.93
CA VAL A 88 -2.27 25.16 8.37
C VAL A 88 -2.13 25.98 9.63
N ALA A 89 -2.53 27.26 9.58
CA ALA A 89 -2.40 28.14 10.73
C ALA A 89 -3.14 27.61 11.95
N ALA A 90 -4.28 26.94 11.74
CA ALA A 90 -5.03 26.39 12.86
C ALA A 90 -4.28 25.23 13.50
N ALA A 91 -3.63 24.39 12.69
CA ALA A 91 -2.78 23.34 13.25
C ALA A 91 -1.49 23.91 13.81
N VAL A 92 -1.04 25.04 13.27
CA VAL A 92 0.14 25.70 13.83
C VAL A 92 -0.20 26.33 15.18
N GLU A 93 -1.25 27.16 15.22
CA GLU A 93 -1.61 27.93 16.41
C GLU A 93 -2.14 27.08 17.55
N ALA A 94 -2.27 25.78 17.38
CA ALA A 94 -2.72 24.90 18.46
C ALA A 94 -1.76 23.76 18.74
N PHE A 95 -1.08 23.25 17.72
CA PHE A 95 -0.21 22.08 17.86
C PHE A 95 1.23 22.33 17.48
N GLY A 96 1.53 23.41 16.77
CA GLY A 96 2.89 23.83 16.52
C GLY A 96 3.53 23.27 15.27
N SER A 97 2.98 22.19 14.70
CA SER A 97 3.58 21.58 13.53
C SER A 97 2.51 20.89 12.70
N VAL A 98 2.84 20.62 11.44
CA VAL A 98 2.01 19.83 10.55
C VAL A 98 2.90 18.76 9.92
N ASP A 99 2.61 17.50 10.21
CA ASP A 99 3.47 16.40 9.77
C ASP A 99 2.80 15.44 8.78
N VAL A 100 1.47 15.33 8.80
CA VAL A 100 0.75 14.46 7.88
C VAL A 100 -0.48 15.21 7.38
N LEU A 101 -0.70 15.18 6.07
CA LEU A 101 -1.90 15.74 5.46
C LEU A 101 -2.67 14.62 4.78
N VAL A 102 -3.92 14.46 5.17
CA VAL A 102 -4.84 13.51 4.54
C VAL A 102 -5.89 14.35 3.83
N ASN A 103 -5.75 14.49 2.51
CA ASN A 103 -6.70 15.27 1.72
C ASN A 103 -7.85 14.35 1.34
N ASN A 104 -8.99 14.53 2.02
CA ASN A 104 -10.11 13.62 1.92
C ASN A 104 -11.39 14.30 1.45
N ALA A 105 -11.53 15.61 1.63
CA ALA A 105 -12.76 16.31 1.28
C ALA A 105 -13.06 16.18 -0.20
N GLY A 106 -14.24 15.67 -0.53
CA GLY A 106 -14.64 15.50 -1.91
C GLY A 106 -16.12 15.26 -2.00
N ILE A 107 -16.70 15.69 -3.12
CA ILE A 107 -18.11 15.49 -3.40
C ILE A 107 -18.25 14.64 -4.65
N CYS A 108 -19.32 13.85 -4.70
CA CYS A 108 -19.67 13.07 -5.89
C CYS A 108 -21.17 13.23 -6.14
N PRO A 109 -21.57 14.31 -6.81
CA PRO A 109 -22.99 14.49 -7.15
C PRO A 109 -23.36 13.80 -8.45
N PHE A 110 -23.84 12.56 -8.36
CA PHE A 110 -24.14 11.77 -9.55
C PHE A 110 -25.05 12.54 -10.50
N HIS A 111 -24.66 12.56 -11.78
CA HIS A 111 -25.34 13.36 -12.79
C HIS A 111 -24.86 12.87 -14.15
N SER A 112 -25.75 12.88 -15.14
CA SER A 112 -25.40 12.41 -16.46
C SER A 112 -24.58 13.46 -17.21
N PHE A 113 -23.85 13.00 -18.23
CA PHE A 113 -22.79 13.79 -18.84
C PHE A 113 -23.35 14.91 -19.73
N LEU A 114 -24.19 14.56 -20.70
CA LEU A 114 -24.57 15.52 -21.74
C LEU A 114 -25.38 16.69 -21.21
N ASP A 115 -26.01 16.56 -20.04
CA ASP A 115 -26.74 17.68 -19.45
C ASP A 115 -26.14 18.03 -18.09
N MET A 116 -24.81 18.12 -18.03
CA MET A 116 -24.13 18.50 -16.80
C MET A 116 -24.04 20.01 -16.70
N PRO A 117 -24.59 20.63 -15.66
CA PRO A 117 -24.49 22.09 -15.53
C PRO A 117 -23.05 22.53 -15.34
N ARG A 118 -22.75 23.71 -15.88
CA ARG A 118 -21.42 24.29 -15.66
C ARG A 118 -21.16 24.52 -14.18
N GLU A 119 -22.17 24.99 -13.45
CA GLU A 119 -21.99 25.30 -12.03
C GLU A 119 -21.63 24.05 -11.23
N LEU A 120 -22.38 22.97 -11.42
CA LEU A 120 -22.13 21.75 -10.66
C LEU A 120 -20.80 21.11 -11.03
N TYR A 121 -20.41 21.22 -12.30
CA TYR A 121 -19.13 20.66 -12.72
C TYR A 121 -17.95 21.41 -12.10
N LEU A 122 -17.99 22.74 -12.15
CA LEU A 122 -16.94 23.54 -11.52
C LEU A 122 -16.92 23.34 -10.00
N LYS A 123 -18.06 22.99 -9.41
CA LYS A 123 -18.13 22.77 -7.97
C LYS A 123 -17.43 21.47 -7.57
N THR A 124 -17.41 20.48 -8.46
CA THR A 124 -16.72 19.23 -8.17
C THR A 124 -15.23 19.36 -8.45
N VAL A 125 -14.85 20.04 -9.53
CA VAL A 125 -13.44 20.28 -9.82
C VAL A 125 -12.81 21.12 -8.72
N GLY A 126 -13.47 22.22 -8.34
CA GLY A 126 -12.91 23.10 -7.32
C GLY A 126 -12.83 22.45 -5.95
N THR A 127 -13.77 21.58 -5.62
CA THR A 127 -13.82 20.98 -4.29
C THR A 127 -12.89 19.79 -4.16
N ASN A 128 -12.76 18.99 -5.22
CA ASN A 128 -11.97 17.77 -5.11
C ASN A 128 -10.54 17.94 -5.59
N LEU A 129 -10.31 18.82 -6.56
CA LEU A 129 -8.99 18.98 -7.16
C LEU A 129 -8.36 20.32 -6.82
N ASN A 130 -8.99 21.43 -7.21
CA ASN A 130 -8.41 22.75 -7.01
C ASN A 130 -8.13 23.02 -5.53
N GLY A 131 -9.14 22.79 -4.68
CA GLY A 131 -8.95 22.98 -3.26
C GLY A 131 -7.95 22.00 -2.66
N ALA A 132 -7.79 20.84 -3.28
CA ALA A 132 -6.80 19.88 -2.81
C ALA A 132 -5.39 20.32 -3.17
N TYR A 133 -5.22 20.86 -4.38
CA TYR A 133 -3.89 21.33 -4.81
C TYR A 133 -3.31 22.32 -3.81
N PHE A 134 -4.07 23.37 -3.49
CA PHE A 134 -3.58 24.38 -2.58
C PHE A 134 -3.63 23.95 -1.12
N THR A 135 -4.48 22.98 -0.77
CA THR A 135 -4.39 22.38 0.55
C THR A 135 -3.10 21.58 0.70
N VAL A 136 -2.73 20.82 -0.34
CA VAL A 136 -1.45 20.14 -0.34
C VAL A 136 -0.31 21.14 -0.37
N GLN A 137 -0.45 22.19 -1.18
CA GLN A 137 0.60 23.20 -1.29
C GLN A 137 0.84 23.89 0.04
N ALA A 138 -0.23 24.32 0.70
CA ALA A 138 -0.09 25.00 1.98
C ALA A 138 0.53 24.07 3.03
N ALA A 139 0.04 22.84 3.11
CA ALA A 139 0.60 21.89 4.07
C ALA A 139 2.05 21.58 3.76
N ALA A 140 2.40 21.48 2.47
CA ALA A 140 3.77 21.15 2.09
C ALA A 140 4.73 22.27 2.46
N ARG A 141 4.30 23.53 2.31
CA ARG A 141 5.16 24.65 2.65
C ARG A 141 5.56 24.62 4.12
N ARG A 142 4.65 24.19 5.00
CA ARG A 142 4.98 24.05 6.41
C ARG A 142 5.96 22.91 6.64
N MET A 143 5.76 21.79 5.93
CA MET A 143 6.67 20.65 6.09
C MET A 143 8.07 21.00 5.63
N LYS A 144 8.19 21.77 4.54
CA LYS A 144 9.50 22.20 4.09
C LYS A 144 10.13 23.18 5.06
N GLU A 145 9.36 24.15 5.53
CA GLU A 145 9.87 25.14 6.48
C GLU A 145 10.37 24.49 7.77
N GLN A 146 9.73 23.40 8.20
CA GLN A 146 10.23 22.68 9.37
C GLN A 146 11.47 21.87 9.04
N GLY A 147 11.56 21.35 7.83
CA GLY A 147 12.73 20.56 7.44
C GLY A 147 12.85 19.23 8.16
N ARG A 148 11.72 18.58 8.44
CA ARG A 148 11.72 17.28 9.09
C ARG A 148 11.00 16.22 8.28
N GLY A 149 10.75 16.47 7.00
CA GLY A 149 10.01 15.53 6.19
C GLY A 149 8.51 15.64 6.43
N GLY A 150 7.79 14.64 5.92
CA GLY A 150 6.36 14.63 6.08
C GLY A 150 5.73 13.59 5.16
N ALA A 151 4.40 13.52 5.25
CA ALA A 151 3.63 12.58 4.44
C ALA A 151 2.34 13.25 3.99
N ILE A 152 2.05 13.14 2.70
CA ILE A 152 0.78 13.57 2.13
C ILE A 152 0.04 12.33 1.66
N ILE A 153 -1.28 12.31 1.90
CA ILE A 153 -2.12 11.19 1.48
C ILE A 153 -3.40 11.76 0.87
N ALA A 154 -3.61 11.52 -0.42
CA ALA A 154 -4.82 11.96 -1.10
C ALA A 154 -5.78 10.78 -1.23
N VAL A 155 -7.01 10.95 -0.77
CA VAL A 155 -8.04 9.94 -0.95
C VAL A 155 -8.54 10.08 -2.37
N SER A 156 -7.96 9.31 -3.29
CA SER A 156 -8.43 9.27 -4.68
C SER A 156 -9.55 8.23 -4.78
N SER A 157 -9.52 7.38 -5.81
CA SER A 157 -10.57 6.38 -5.96
C SER A 157 -10.13 5.31 -6.93
N ILE A 158 -10.84 4.18 -6.90
CA ILE A 158 -10.71 3.20 -7.97
C ILE A 158 -11.12 3.83 -9.30
N SER A 159 -12.05 4.80 -9.24
CA SER A 159 -12.45 5.57 -10.42
C SER A 159 -11.31 6.39 -11.01
N ALA A 160 -10.13 6.40 -10.39
CA ALA A 160 -8.98 7.03 -11.04
C ALA A 160 -8.38 6.13 -12.12
N LEU A 161 -8.73 4.85 -12.13
CA LEU A 161 -8.24 3.91 -13.14
C LEU A 161 -9.32 3.43 -14.09
N VAL A 162 -10.60 3.61 -13.75
CA VAL A 162 -11.72 3.20 -14.58
C VAL A 162 -12.69 4.38 -14.67
N GLY A 163 -13.77 4.19 -15.43
CA GLY A 163 -14.72 5.25 -15.67
C GLY A 163 -16.02 5.10 -14.88
N GLY A 164 -16.85 6.13 -15.00
CA GLY A 164 -18.17 6.16 -14.39
C GLY A 164 -19.14 6.95 -15.23
N ALA A 165 -20.22 6.32 -15.69
CA ALA A 165 -21.14 6.98 -16.63
C ALA A 165 -21.78 8.22 -16.01
N MET A 166 -22.08 8.17 -14.72
CA MET A 166 -22.66 9.30 -14.01
C MET A 166 -21.63 10.07 -13.21
N GLN A 167 -20.34 9.90 -13.55
CA GLN A 167 -19.25 10.54 -12.82
C GLN A 167 -18.22 11.14 -13.78
N THR A 168 -18.66 11.56 -14.98
CA THR A 168 -17.75 12.20 -15.92
C THR A 168 -17.17 13.49 -15.37
N HIS A 169 -17.85 14.12 -14.42
CA HIS A 169 -17.34 15.29 -13.72
C HIS A 169 -16.50 14.92 -12.50
N TYR A 170 -16.62 13.69 -12.03
CA TYR A 170 -16.02 13.24 -10.78
C TYR A 170 -14.70 12.49 -10.97
N THR A 171 -14.67 11.53 -11.89
CA THR A 171 -13.45 10.73 -12.05
C THR A 171 -12.23 11.54 -12.51
N PRO A 172 -12.34 12.60 -13.32
CA PRO A 172 -11.14 13.41 -13.59
C PRO A 172 -10.53 14.03 -12.35
N THR A 173 -11.36 14.42 -11.37
CA THR A 173 -10.81 15.01 -10.16
C THR A 173 -10.02 13.98 -9.36
N LYS A 174 -10.49 12.74 -9.32
CA LYS A 174 -9.78 11.70 -8.59
C LYS A 174 -8.53 11.26 -9.35
N ALA A 175 -8.63 11.15 -10.68
CA ALA A 175 -7.46 10.82 -11.48
C ALA A 175 -6.42 11.94 -11.42
N GLY A 176 -6.88 13.19 -11.40
CA GLY A 176 -5.97 14.30 -11.18
C GLY A 176 -5.38 14.31 -9.78
N LEU A 177 -6.15 13.85 -8.79
CA LEU A 177 -5.61 13.68 -7.45
C LEU A 177 -4.48 12.66 -7.43
N LEU A 178 -4.65 11.56 -8.17
CA LEU A 178 -3.56 10.60 -8.32
C LEU A 178 -2.34 11.26 -8.95
N SER A 179 -2.53 11.87 -10.12
CA SER A 179 -1.40 12.47 -10.83
C SER A 179 -0.74 13.57 -10.02
N LEU A 180 -1.53 14.32 -9.24
CA LEU A 180 -0.97 15.34 -8.36
C LEU A 180 -0.02 14.72 -7.34
N MET A 181 -0.42 13.59 -6.75
CA MET A 181 0.47 12.89 -5.82
C MET A 181 1.75 12.45 -6.50
N GLN A 182 1.68 12.05 -7.78
CA GLN A 182 2.88 11.66 -8.50
C GLN A 182 3.81 12.85 -8.72
N SER A 183 3.28 13.95 -9.28
CA SER A 183 4.09 15.11 -9.54
C SER A 183 4.59 15.75 -8.24
N CYS A 184 3.80 15.69 -7.17
CA CYS A 184 4.23 16.25 -5.90
C CYS A 184 5.31 15.40 -5.25
N ALA A 185 5.21 14.07 -5.40
CA ALA A 185 6.24 13.19 -4.85
C ALA A 185 7.61 13.48 -5.44
N ILE A 186 7.65 14.03 -6.66
CA ILE A 186 8.93 14.39 -7.28
C ILE A 186 9.44 15.72 -6.73
N ALA A 187 8.57 16.73 -6.71
CA ALA A 187 8.98 18.05 -6.24
C ALA A 187 9.27 18.06 -4.75
N LEU A 188 8.59 17.21 -3.98
CA LEU A 188 8.73 17.21 -2.53
C LEU A 188 9.64 16.09 -2.01
N GLY A 189 9.98 15.12 -2.85
CA GLY A 189 10.82 14.00 -2.46
C GLY A 189 12.14 14.39 -1.80
N PRO A 190 12.92 15.27 -2.45
CA PRO A 190 14.19 15.69 -1.85
C PRO A 190 14.04 16.34 -0.48
N TYR A 191 12.85 16.83 -0.13
CA TYR A 191 12.62 17.47 1.15
C TYR A 191 12.04 16.49 2.19
N GLY A 192 12.13 15.19 1.93
CA GLY A 192 11.62 14.19 2.84
C GLY A 192 10.12 14.06 2.89
N ILE A 193 9.41 14.69 1.97
CA ILE A 193 7.95 14.69 1.95
C ILE A 193 7.48 13.61 0.98
N ARG A 194 6.88 12.56 1.52
CA ARG A 194 6.29 11.50 0.71
C ARG A 194 4.82 11.82 0.42
N CYS A 195 4.40 11.54 -0.82
CA CYS A 195 3.05 11.82 -1.26
C CYS A 195 2.50 10.58 -1.94
N ASN A 196 1.37 10.07 -1.44
CA ASN A 196 0.78 8.85 -1.96
C ASN A 196 -0.73 9.00 -2.02
N ALA A 197 -1.36 8.23 -2.89
CA ALA A 197 -2.81 8.21 -3.03
C ALA A 197 -3.36 6.85 -2.61
N VAL A 198 -4.48 6.86 -1.91
CA VAL A 198 -5.22 5.65 -1.63
C VAL A 198 -6.42 5.61 -2.56
N LEU A 199 -6.68 4.44 -3.16
CA LEU A 199 -7.74 4.28 -4.15
C LEU A 199 -8.82 3.38 -3.57
N PRO A 200 -9.78 3.92 -2.83
CA PRO A 200 -10.84 3.08 -2.26
C PRO A 200 -11.85 2.63 -3.30
N GLY A 201 -12.37 1.43 -3.09
CA GLY A 201 -13.38 0.89 -3.99
C GLY A 201 -14.75 1.43 -3.67
N THR A 202 -15.76 0.57 -3.72
CA THR A 202 -17.11 0.96 -3.36
C THR A 202 -17.24 0.88 -1.84
N ILE A 203 -17.27 2.04 -1.19
CA ILE A 203 -17.37 2.14 0.26
C ILE A 203 -18.76 2.64 0.61
N ALA A 204 -19.44 1.91 1.50
CA ALA A 204 -20.81 2.25 1.90
C ALA A 204 -20.76 3.46 2.84
N THR A 205 -20.88 4.64 2.26
CA THR A 205 -20.95 5.88 3.02
C THR A 205 -22.23 6.61 2.60
N ASP A 206 -22.25 7.91 2.83
CA ASP A 206 -23.35 8.76 2.38
C ASP A 206 -23.05 9.43 1.04
N ILE A 207 -21.86 9.21 0.47
CA ILE A 207 -21.60 9.66 -0.89
C ILE A 207 -22.45 8.87 -1.88
N ASN A 208 -22.90 7.68 -1.47
CA ASN A 208 -23.64 6.78 -2.35
C ASN A 208 -24.78 6.11 -1.60
N LYS A 209 -25.32 6.78 -0.57
CA LYS A 209 -26.47 6.25 0.14
C LYS A 209 -27.65 6.05 -0.80
N GLU A 210 -28.02 7.10 -1.54
CA GLU A 210 -29.13 6.98 -2.49
C GLU A 210 -28.78 6.07 -3.65
N ASP A 211 -27.51 6.12 -4.10
CA ASP A 211 -27.09 5.31 -5.24
C ASP A 211 -27.10 3.83 -4.92
N LEU A 212 -26.94 3.47 -3.64
CA LEU A 212 -26.86 2.08 -3.21
C LEU A 212 -28.15 1.58 -2.58
N SER A 213 -29.18 2.41 -2.46
CA SER A 213 -30.44 2.00 -1.86
C SER A 213 -31.43 1.45 -2.87
N ASP A 214 -30.97 1.16 -4.10
CA ASP A 214 -31.75 0.44 -5.10
C ASP A 214 -32.24 -0.86 -4.51
N LEU A 215 -31.40 -1.50 -3.70
CA LEU A 215 -31.71 -2.72 -2.96
C LEU A 215 -31.85 -3.90 -3.91
N GLU A 216 -31.74 -3.63 -5.21
CA GLU A 216 -31.59 -4.68 -6.22
C GLU A 216 -30.34 -4.47 -7.05
N LYS A 217 -29.58 -3.42 -6.77
CA LYS A 217 -28.32 -3.11 -7.42
C LYS A 217 -27.14 -3.10 -6.46
N ARG A 218 -27.40 -2.93 -5.17
CA ARG A 218 -26.34 -3.02 -4.16
C ARG A 218 -25.67 -4.40 -4.20
N GLU A 219 -26.47 -5.48 -4.18
CA GLU A 219 -25.92 -6.82 -4.26
C GLU A 219 -25.28 -7.08 -5.62
N ARG A 220 -25.67 -6.34 -6.66
CA ARG A 220 -24.96 -6.45 -7.93
C ARG A 220 -23.53 -5.94 -7.79
N MET A 221 -23.37 -4.75 -7.21
CA MET A 221 -22.02 -4.26 -6.91
C MET A 221 -21.33 -5.13 -5.88
N THR A 222 -22.09 -5.69 -4.93
CA THR A 222 -21.50 -6.52 -3.88
C THR A 222 -20.95 -7.81 -4.46
N SER A 223 -21.65 -8.42 -5.42
CA SER A 223 -21.17 -9.65 -6.02
C SER A 223 -19.94 -9.45 -6.89
N ARG A 224 -19.64 -8.19 -7.24
CA ARG A 224 -18.43 -7.89 -8.01
C ARG A 224 -17.20 -7.77 -7.13
N VAL A 225 -17.35 -7.76 -5.81
CA VAL A 225 -16.23 -7.64 -4.88
C VAL A 225 -15.81 -9.05 -4.49
N PRO A 226 -14.63 -9.52 -4.90
CA PRO A 226 -14.19 -10.87 -4.52
C PRO A 226 -14.20 -11.12 -3.02
N LEU A 227 -13.91 -10.10 -2.20
CA LEU A 227 -14.02 -10.28 -0.75
C LEU A 227 -15.47 -10.44 -0.30
N GLY A 228 -16.44 -10.22 -1.17
CA GLY A 228 -17.83 -10.54 -0.86
C GLY A 228 -18.58 -9.51 -0.06
N ARG A 229 -18.06 -8.28 0.07
CA ARG A 229 -18.76 -7.27 0.83
C ARG A 229 -18.32 -5.89 0.36
N LEU A 230 -19.22 -4.92 0.48
CA LEU A 230 -18.85 -3.54 0.21
C LEU A 230 -17.94 -3.01 1.33
N GLY A 231 -17.25 -1.91 1.04
CA GLY A 231 -16.36 -1.33 2.00
C GLY A 231 -17.08 -0.51 3.07
N GLU A 232 -16.37 -0.29 4.17
CA GLU A 232 -16.76 0.60 5.25
C GLU A 232 -15.60 1.52 5.56
N PRO A 233 -15.86 2.73 6.05
CA PRO A 233 -14.78 3.71 6.24
C PRO A 233 -13.62 3.20 7.09
N ASP A 234 -13.86 2.24 7.98
CA ASP A 234 -12.79 1.68 8.79
C ASP A 234 -11.80 0.88 7.95
N ASP A 235 -12.21 0.38 6.79
CA ASP A 235 -11.31 -0.36 5.93
C ASP A 235 -10.25 0.53 5.30
N LEU A 236 -10.51 1.84 5.21
CA LEU A 236 -9.54 2.79 4.68
C LEU A 236 -8.64 3.38 5.76
N ALA A 237 -8.92 3.10 7.03
CA ALA A 237 -8.13 3.67 8.12
C ALA A 237 -6.74 3.04 8.17
N GLY A 238 -6.68 1.71 8.11
CA GLY A 238 -5.43 0.99 8.12
C GLY A 238 -4.47 1.41 7.02
N PRO A 239 -4.94 1.44 5.77
CA PRO A 239 -4.05 1.87 4.68
C PRO A 239 -3.59 3.31 4.79
N ILE A 240 -4.43 4.20 5.34
CA ILE A 240 -4.05 5.61 5.40
C ILE A 240 -2.98 5.83 6.47
N VAL A 241 -3.11 5.18 7.62
CA VAL A 241 -2.09 5.34 8.66
C VAL A 241 -0.78 4.70 8.22
N PHE A 242 -0.86 3.56 7.53
CA PHE A 242 0.36 2.91 7.03
C PHE A 242 1.14 3.85 6.12
N LEU A 243 0.46 4.42 5.11
CA LEU A 243 1.11 5.35 4.20
C LEU A 243 1.62 6.58 4.93
N ALA A 244 0.99 6.94 6.04
CA ALA A 244 1.42 8.08 6.84
C ALA A 244 2.49 7.71 7.86
N SER A 245 2.86 6.44 7.94
CA SER A 245 3.75 5.93 8.98
C SER A 245 5.16 5.73 8.42
N ASP A 246 6.07 5.36 9.31
CA ASP A 246 7.43 5.00 8.91
C ASP A 246 7.50 3.62 8.28
N MET A 247 6.43 2.82 8.37
CA MET A 247 6.39 1.57 7.62
C MET A 247 6.50 1.82 6.14
N ALA A 248 6.06 2.99 5.67
CA ALA A 248 6.16 3.39 4.27
C ALA A 248 7.29 4.38 4.05
N ARG A 249 8.45 4.13 4.67
CA ARG A 249 9.55 5.09 4.61
C ARG A 249 10.01 5.31 3.17
N TYR A 250 10.02 4.25 2.37
CA TYR A 250 10.45 4.33 0.98
C TYR A 250 9.29 4.33 -0.02
N VAL A 251 8.07 4.56 0.46
CA VAL A 251 6.88 4.57 -0.39
C VAL A 251 6.51 6.02 -0.65
N THR A 252 6.62 6.45 -1.90
CA THR A 252 6.13 7.76 -2.31
C THR A 252 5.80 7.69 -3.79
N GLY A 253 4.86 8.53 -4.22
CA GLY A 253 4.37 8.49 -5.58
C GLY A 253 3.63 7.22 -5.94
N ALA A 254 3.11 6.51 -4.95
CA ALA A 254 2.43 5.25 -5.17
C ALA A 254 0.93 5.38 -4.95
N SER A 255 0.20 4.44 -5.54
CA SER A 255 -1.23 4.32 -5.33
C SER A 255 -1.49 2.98 -4.67
N LEU A 256 -2.56 2.92 -3.86
CA LEU A 256 -2.87 1.72 -3.09
C LEU A 256 -4.36 1.45 -3.21
N LEU A 257 -4.71 0.44 -4.01
CA LEU A 257 -6.10 0.04 -4.17
C LEU A 257 -6.61 -0.62 -2.90
N VAL A 258 -7.68 -0.05 -2.32
CA VAL A 258 -8.38 -0.67 -1.19
C VAL A 258 -9.82 -0.90 -1.63
N ASP A 259 -10.07 -1.99 -2.36
CA ASP A 259 -11.36 -2.19 -3.00
C ASP A 259 -11.89 -3.61 -2.82
N GLY A 260 -11.25 -4.43 -2.01
CA GLY A 260 -11.70 -5.81 -1.87
C GLY A 260 -11.57 -6.63 -3.13
N GLY A 261 -10.71 -6.22 -4.06
CA GLY A 261 -10.55 -6.91 -5.32
C GLY A 261 -11.47 -6.44 -6.43
N LEU A 262 -12.20 -5.34 -6.23
CA LEU A 262 -13.18 -4.91 -7.21
C LEU A 262 -12.54 -4.63 -8.55
N PHE A 263 -11.39 -3.94 -8.54
CA PHE A 263 -10.77 -3.51 -9.80
C PHE A 263 -10.39 -4.69 -10.67
N VAL A 264 -9.82 -5.74 -10.08
CA VAL A 264 -9.29 -6.83 -10.89
C VAL A 264 -10.38 -7.82 -11.31
N ASN A 265 -11.54 -7.80 -10.66
CA ASN A 265 -12.58 -8.80 -10.89
C ASN A 265 -13.26 -8.54 -12.22
N LEU A 266 -12.64 -9.04 -13.30
CA LEU A 266 -13.27 -9.01 -14.61
C LEU A 266 -14.41 -10.02 -14.61
N GLN A 267 -15.51 -9.61 -13.97
CA GLN A 267 -16.70 -10.43 -13.89
C GLN A 267 -17.31 -10.56 -15.28
N SER B 12 1.65 -4.79 17.73
CA SER B 12 2.20 -5.91 16.97
C SER B 12 1.14 -6.53 16.07
N LEU B 13 1.47 -6.68 14.79
CA LEU B 13 0.47 -6.89 13.76
C LEU B 13 0.20 -8.35 13.42
N LEU B 14 1.12 -9.27 13.73
CA LEU B 14 0.95 -10.67 13.37
C LEU B 14 1.11 -11.57 14.59
N ILE B 15 0.43 -11.20 15.69
CA ILE B 15 0.77 -11.73 17.01
C ILE B 15 0.67 -13.26 17.07
N ASP B 16 -0.17 -13.87 16.25
CA ASP B 16 -0.24 -15.32 16.17
C ASP B 16 -0.13 -15.86 14.76
N LYS B 17 -0.27 -15.02 13.74
CA LYS B 17 -0.13 -15.49 12.36
C LYS B 17 1.26 -16.09 12.17
N THR B 18 1.31 -17.22 11.47
CA THR B 18 2.56 -17.85 11.09
C THR B 18 2.83 -17.55 9.62
N VAL B 19 4.04 -17.07 9.33
CA VAL B 19 4.38 -16.50 8.04
C VAL B 19 5.43 -17.37 7.36
N ILE B 20 5.17 -17.72 6.10
CA ILE B 20 6.14 -18.41 5.26
C ILE B 20 6.78 -17.37 4.33
N VAL B 21 8.09 -17.23 4.41
CA VAL B 21 8.85 -16.34 3.54
C VAL B 21 9.85 -17.19 2.77
N THR B 22 9.75 -17.19 1.45
CA THR B 22 10.68 -17.93 0.61
C THR B 22 11.87 -17.06 0.23
N GLY B 23 13.01 -17.70 -0.01
CA GLY B 23 14.23 -17.01 -0.35
C GLY B 23 14.64 -15.95 0.64
N ALA B 24 14.57 -16.29 1.93
CA ALA B 24 14.80 -15.33 3.01
C ALA B 24 16.25 -15.37 3.52
N SER B 25 17.18 -15.94 2.76
CA SER B 25 18.58 -15.94 3.18
C SER B 25 19.12 -14.53 3.31
N ARG B 26 19.01 -13.74 2.23
CA ARG B 26 19.44 -12.36 2.22
C ARG B 26 18.46 -11.54 1.40
N GLY B 27 18.67 -10.23 1.40
CA GLY B 27 17.84 -9.35 0.59
C GLY B 27 16.50 -9.06 1.23
N ILE B 28 15.51 -8.81 0.37
CA ILE B 28 14.18 -8.45 0.84
C ILE B 28 13.58 -9.55 1.71
N GLY B 29 13.75 -10.81 1.27
CA GLY B 29 13.17 -11.92 2.01
C GLY B 29 13.65 -12.00 3.45
N ARG B 30 14.94 -11.72 3.67
CA ARG B 30 15.48 -11.77 5.02
C ARG B 30 14.86 -10.68 5.90
N ALA B 31 14.88 -9.43 5.43
CA ALA B 31 14.38 -8.32 6.22
C ALA B 31 12.87 -8.42 6.46
N ALA B 32 12.15 -9.09 5.55
CA ALA B 32 10.71 -9.26 5.72
C ALA B 32 10.42 -10.26 6.84
N ALA B 33 11.12 -11.40 6.83
CA ALA B 33 10.93 -12.40 7.88
C ALA B 33 11.29 -11.85 9.25
N ARG B 34 12.32 -11.01 9.33
CA ARG B 34 12.74 -10.45 10.61
C ARG B 34 11.70 -9.51 11.18
N GLU B 35 11.21 -8.57 10.36
CA GLU B 35 10.20 -7.63 10.83
C GLU B 35 8.90 -8.33 11.19
N CYS B 36 8.60 -9.44 10.51
CA CYS B 36 7.41 -10.23 10.88
C CYS B 36 7.54 -10.74 12.32
N ALA B 37 8.71 -11.24 12.68
CA ALA B 37 8.91 -11.70 14.06
C ALA B 37 8.81 -10.56 15.05
N ARG B 38 9.31 -9.38 14.68
CA ARG B 38 9.19 -8.22 15.56
C ARG B 38 7.74 -7.79 15.75
N GLN B 39 6.85 -8.15 14.83
CA GLN B 39 5.43 -7.88 14.96
C GLN B 39 4.65 -9.05 15.56
N GLY B 40 5.36 -10.09 16.02
CA GLY B 40 4.73 -11.20 16.70
C GLY B 40 4.51 -12.45 15.87
N ALA B 41 4.92 -12.45 14.60
CA ALA B 41 4.67 -13.60 13.76
C ALA B 41 5.57 -14.78 14.15
N ARG B 42 5.12 -15.97 13.77
CA ARG B 42 5.88 -17.21 13.97
C ARG B 42 6.41 -17.60 12.60
N VAL B 43 7.62 -17.17 12.30
CA VAL B 43 8.14 -17.17 10.93
C VAL B 43 8.69 -18.53 10.54
N VAL B 44 8.54 -18.87 9.26
CA VAL B 44 9.26 -19.96 8.62
C VAL B 44 10.23 -19.32 7.63
N ILE B 45 11.53 -19.55 7.83
CA ILE B 45 12.57 -18.89 7.04
C ILE B 45 12.96 -19.87 5.94
N GLY B 46 12.28 -19.76 4.80
CA GLY B 46 12.66 -20.56 3.64
C GLY B 46 13.87 -19.99 2.93
N HIS B 47 14.67 -20.88 2.35
CA HIS B 47 15.90 -20.48 1.69
C HIS B 47 16.20 -21.44 0.55
N SER B 48 17.34 -21.20 -0.11
CA SER B 48 17.70 -21.89 -1.34
C SER B 48 18.09 -23.35 -1.13
N GLY B 49 18.31 -23.78 0.11
CA GLY B 49 18.91 -25.07 0.35
C GLY B 49 20.39 -25.15 0.05
N SER B 50 20.98 -24.06 -0.44
CA SER B 50 22.43 -23.95 -0.54
C SER B 50 23.01 -23.72 0.85
N ASP B 51 24.33 -23.68 0.93
CA ASP B 51 24.99 -23.43 2.22
C ASP B 51 24.99 -21.95 2.57
N GLU B 52 24.96 -21.08 1.55
CA GLU B 52 24.64 -19.69 1.79
C GLU B 52 23.25 -19.54 2.39
N GLY B 53 22.24 -20.14 1.73
CA GLY B 53 20.88 -20.06 2.25
C GLY B 53 20.74 -20.63 3.64
N ARG B 54 21.38 -21.79 3.89
CA ARG B 54 21.30 -22.39 5.21
C ARG B 54 21.94 -21.51 6.27
N ALA B 55 23.06 -20.87 5.94
CA ALA B 55 23.79 -20.08 6.92
C ALA B 55 23.05 -18.79 7.26
N GLY B 56 22.64 -18.03 6.24
CA GLY B 56 21.92 -16.79 6.50
C GLY B 56 20.59 -17.02 7.21
N ALA B 57 19.91 -18.12 6.89
CA ALA B 57 18.62 -18.40 7.52
C ALA B 57 18.80 -18.66 9.02
N LEU B 58 19.79 -19.48 9.38
CA LEU B 58 20.09 -19.70 10.79
C LEU B 58 20.42 -18.38 11.48
N SER B 59 21.17 -17.52 10.80
CA SER B 59 21.51 -16.21 11.36
C SER B 59 20.25 -15.40 11.64
N LEU B 60 19.32 -15.37 10.69
CA LEU B 60 18.04 -14.71 10.93
C LEU B 60 17.27 -15.41 12.05
N ALA B 61 17.25 -16.75 12.02
CA ALA B 61 16.56 -17.49 13.07
C ALA B 61 17.18 -17.24 14.43
N GLU B 62 18.52 -17.18 14.49
CA GLU B 62 19.19 -16.89 15.74
C GLU B 62 18.94 -15.44 16.18
N GLU B 63 18.95 -14.51 15.23
CA GLU B 63 18.71 -13.11 15.55
C GLU B 63 17.26 -12.87 15.99
N ILE B 64 16.32 -13.66 15.48
CA ILE B 64 14.92 -13.49 15.84
C ILE B 64 14.69 -13.89 17.29
N ALA B 65 15.17 -15.07 17.68
CA ALA B 65 15.05 -15.50 19.07
C ALA B 65 15.89 -14.67 20.02
N ALA B 66 16.81 -13.84 19.49
CA ALA B 66 17.62 -12.98 20.36
C ALA B 66 16.78 -11.89 21.02
N PHE B 67 15.71 -11.45 20.36
CA PHE B 67 14.80 -10.46 20.95
C PHE B 67 13.48 -11.09 21.39
N GLY B 68 13.42 -12.41 21.49
CA GLY B 68 12.27 -13.10 22.03
C GLY B 68 11.37 -13.77 21.02
N GLY B 69 11.70 -13.72 19.73
CA GLY B 69 10.87 -14.33 18.71
C GLY B 69 11.15 -15.81 18.53
N THR B 70 10.41 -16.40 17.60
CA THR B 70 10.56 -17.80 17.27
C THR B 70 10.41 -17.99 15.76
N ALA B 71 11.20 -18.90 15.20
CA ALA B 71 11.23 -19.10 13.76
C ALA B 71 11.89 -20.45 13.47
N ILE B 72 11.76 -20.88 12.22
CA ILE B 72 12.33 -22.12 11.74
C ILE B 72 12.98 -21.85 10.39
N ALA B 73 14.09 -22.52 10.12
CA ALA B 73 14.74 -22.47 8.82
C ALA B 73 14.44 -23.74 8.05
N VAL B 74 13.99 -23.59 6.81
CA VAL B 74 13.66 -24.72 5.94
C VAL B 74 14.23 -24.45 4.56
N GLY B 75 14.97 -25.41 4.03
CA GLY B 75 15.51 -25.30 2.68
C GLY B 75 14.53 -25.80 1.64
N ALA B 76 14.47 -25.10 0.51
CA ALA B 76 13.53 -25.44 -0.55
C ALA B 76 13.87 -24.71 -1.85
N ASP B 77 14.04 -25.47 -2.93
CA ASP B 77 14.34 -24.86 -4.24
C ASP B 77 13.04 -24.37 -4.87
N ALA B 78 12.99 -23.06 -5.16
CA ALA B 78 11.80 -22.48 -5.79
C ALA B 78 11.55 -23.07 -7.17
N ALA B 79 12.61 -23.44 -7.89
CA ALA B 79 12.43 -24.10 -9.18
C ALA B 79 11.81 -25.48 -9.00
N ASP B 80 12.09 -26.15 -7.89
CA ASP B 80 11.44 -27.42 -7.58
C ASP B 80 9.98 -27.16 -7.22
N LEU B 81 9.07 -27.67 -8.04
CA LEU B 81 7.65 -27.35 -7.88
C LEU B 81 7.03 -28.01 -6.64
N ASP B 82 7.77 -28.89 -5.96
CA ASP B 82 7.28 -29.50 -4.72
C ASP B 82 7.66 -28.70 -3.49
N SER B 83 8.39 -27.60 -3.64
CA SER B 83 8.86 -26.84 -2.49
C SER B 83 7.71 -26.16 -1.75
N GLY B 84 6.64 -25.81 -2.47
CA GLY B 84 5.52 -25.14 -1.83
C GLY B 84 4.85 -26.01 -0.78
N GLU B 85 4.50 -27.23 -1.14
CA GLU B 85 3.84 -28.10 -0.18
C GLU B 85 4.79 -28.54 0.93
N LYS B 86 6.08 -28.64 0.64
CA LYS B 86 7.04 -28.93 1.69
C LYS B 86 7.16 -27.76 2.66
N LEU B 87 7.11 -26.54 2.14
CA LEU B 87 7.22 -25.35 2.99
C LEU B 87 6.00 -25.22 3.90
N VAL B 88 4.80 -25.50 3.38
CA VAL B 88 3.63 -25.49 4.25
C VAL B 88 3.65 -26.69 5.19
N ALA B 89 4.13 -27.85 4.70
CA ALA B 89 4.22 -29.03 5.55
C ALA B 89 5.15 -28.78 6.73
N ALA B 90 6.28 -28.14 6.49
CA ALA B 90 7.16 -27.74 7.58
C ALA B 90 6.48 -26.72 8.50
N ALA B 91 5.67 -25.83 7.93
CA ALA B 91 5.03 -24.79 8.73
C ALA B 91 3.91 -25.37 9.59
N VAL B 92 3.16 -26.35 9.07
CA VAL B 92 2.10 -26.94 9.88
C VAL B 92 2.68 -27.87 10.93
N GLU B 93 3.76 -28.58 10.59
CA GLU B 93 4.41 -29.44 11.59
C GLU B 93 5.08 -28.62 12.68
N ALA B 94 5.47 -27.37 12.37
CA ALA B 94 6.16 -26.54 13.33
C ALA B 94 5.22 -25.62 14.10
N PHE B 95 4.23 -25.03 13.44
CA PHE B 95 3.35 -24.07 14.08
C PHE B 95 1.86 -24.37 13.89
N GLY B 96 1.50 -25.41 13.14
CA GLY B 96 0.13 -25.85 13.06
C GLY B 96 -0.74 -25.15 12.04
N SER B 97 -0.28 -24.05 11.45
CA SER B 97 -1.10 -23.31 10.50
C SER B 97 -0.22 -22.58 9.50
N VAL B 98 -0.83 -22.28 8.35
CA VAL B 98 -0.24 -21.40 7.35
C VAL B 98 -1.19 -20.22 7.18
N ASP B 99 -0.70 -19.02 7.44
CA ASP B 99 -1.53 -17.83 7.41
C ASP B 99 -1.04 -16.76 6.44
N VAL B 100 0.27 -16.62 6.25
CA VAL B 100 0.84 -15.61 5.37
C VAL B 100 1.90 -16.28 4.51
N LEU B 101 1.91 -15.95 3.22
CA LEU B 101 2.93 -16.41 2.29
C LEU B 101 3.54 -15.19 1.60
N VAL B 102 4.81 -14.93 1.87
CA VAL B 102 5.59 -13.94 1.14
C VAL B 102 6.45 -14.72 0.15
N ASN B 103 6.00 -14.78 -1.11
CA ASN B 103 6.75 -15.44 -2.18
C ASN B 103 7.75 -14.43 -2.73
N ASN B 104 8.96 -14.46 -2.18
CA ASN B 104 10.01 -13.52 -2.53
C ASN B 104 11.10 -14.12 -3.39
N ALA B 105 11.20 -15.44 -3.47
CA ALA B 105 12.29 -16.10 -4.18
C ALA B 105 12.29 -15.75 -5.66
N GLY B 106 13.48 -15.46 -6.18
CA GLY B 106 13.61 -15.13 -7.58
C GLY B 106 15.04 -14.78 -7.92
N ILE B 107 15.32 -14.80 -9.22
CA ILE B 107 16.64 -14.46 -9.75
C ILE B 107 16.46 -13.48 -10.89
N CYS B 108 17.55 -12.77 -11.20
CA CYS B 108 17.57 -11.81 -12.32
C CYS B 108 18.95 -11.82 -12.95
N PRO B 109 19.28 -12.87 -13.72
CA PRO B 109 20.55 -12.89 -14.44
C PRO B 109 20.51 -11.99 -15.66
N PHE B 110 21.15 -10.82 -15.57
CA PHE B 110 21.13 -9.87 -16.69
C PHE B 110 21.76 -10.49 -17.92
N HIS B 111 21.08 -10.34 -19.06
CA HIS B 111 21.53 -10.95 -20.30
C HIS B 111 20.84 -10.25 -21.47
N SER B 112 21.55 -10.18 -22.59
CA SER B 112 20.97 -9.61 -23.81
C SER B 112 19.86 -10.52 -24.33
N PHE B 113 19.03 -9.96 -25.20
CA PHE B 113 17.81 -10.64 -25.62
C PHE B 113 18.02 -11.55 -26.83
N LEU B 114 18.60 -11.02 -27.91
CA LEU B 114 18.69 -11.77 -29.16
C LEU B 114 19.57 -13.01 -29.05
N ASP B 115 20.44 -13.08 -28.04
CA ASP B 115 21.29 -14.24 -27.82
C ASP B 115 20.96 -14.95 -26.51
N MET B 116 19.70 -14.89 -26.10
CA MET B 116 19.30 -15.51 -24.84
C MET B 116 19.32 -17.02 -24.96
N PRO B 117 19.99 -17.74 -24.06
CA PRO B 117 19.93 -19.20 -24.08
C PRO B 117 18.57 -19.70 -23.60
N ARG B 118 18.10 -20.78 -24.24
CA ARG B 118 16.84 -21.38 -23.83
C ARG B 118 16.88 -21.85 -22.38
N GLU B 119 18.04 -22.33 -21.92
CA GLU B 119 18.14 -22.80 -20.55
C GLU B 119 18.11 -21.64 -19.56
N LEU B 120 18.77 -20.53 -19.90
CA LEU B 120 18.76 -19.36 -19.02
C LEU B 120 17.37 -18.78 -18.87
N TYR B 121 16.61 -18.74 -19.97
CA TYR B 121 15.24 -18.25 -19.91
C TYR B 121 14.36 -19.17 -19.08
N LEU B 122 14.36 -20.47 -19.41
CA LEU B 122 13.46 -21.42 -18.75
C LEU B 122 13.79 -21.59 -17.27
N LYS B 123 15.04 -21.34 -16.87
CA LYS B 123 15.39 -21.41 -15.46
C LYS B 123 14.84 -20.20 -14.69
N THR B 124 14.65 -19.07 -15.38
CA THR B 124 14.10 -17.89 -14.73
C THR B 124 12.58 -17.91 -14.71
N VAL B 125 11.97 -18.45 -15.76
CA VAL B 125 10.52 -18.62 -15.75
C VAL B 125 10.09 -19.65 -14.71
N GLY B 126 10.88 -20.72 -14.57
CA GLY B 126 10.54 -21.74 -13.60
C GLY B 126 10.77 -21.29 -12.16
N THR B 127 11.75 -20.42 -11.94
CA THR B 127 12.08 -20.00 -10.58
C THR B 127 11.19 -18.85 -10.12
N ASN B 128 11.00 -17.84 -10.98
CA ASN B 128 10.27 -16.64 -10.59
C ASN B 128 8.77 -16.76 -10.81
N LEU B 129 8.34 -17.50 -11.82
CA LEU B 129 6.92 -17.63 -12.13
C LEU B 129 6.44 -19.04 -11.77
N ASN B 130 6.92 -20.07 -12.49
CA ASN B 130 6.36 -21.42 -12.35
C ASN B 130 6.47 -21.92 -10.92
N GLY B 131 7.65 -21.78 -10.31
CA GLY B 131 7.80 -22.18 -8.92
C GLY B 131 6.92 -21.38 -7.98
N ALA B 132 6.73 -20.10 -8.28
CA ALA B 132 5.84 -19.28 -7.45
C ALA B 132 4.40 -19.73 -7.56
N TYR B 133 3.97 -20.14 -8.77
CA TYR B 133 2.57 -20.50 -8.97
C TYR B 133 2.16 -21.67 -8.10
N PHE B 134 3.05 -22.63 -7.87
CA PHE B 134 2.71 -23.78 -7.07
C PHE B 134 3.08 -23.61 -5.60
N THR B 135 3.86 -22.59 -5.27
CA THR B 135 4.05 -22.23 -3.88
C THR B 135 2.83 -21.48 -3.34
N VAL B 136 2.25 -20.58 -4.14
CA VAL B 136 1.02 -19.92 -3.73
C VAL B 136 -0.12 -20.92 -3.70
N GLN B 137 -0.13 -21.89 -4.62
CA GLN B 137 -1.19 -22.89 -4.65
C GLN B 137 -1.19 -23.73 -3.38
N ALA B 138 -0.04 -24.32 -3.05
CA ALA B 138 0.06 -25.14 -1.85
C ALA B 138 -0.26 -24.33 -0.60
N ALA B 139 0.21 -23.08 -0.54
CA ALA B 139 -0.09 -22.24 0.61
C ALA B 139 -1.57 -21.88 0.65
N ALA B 140 -2.16 -21.53 -0.49
CA ALA B 140 -3.56 -21.10 -0.52
C ALA B 140 -4.47 -22.22 -0.05
N ARG B 141 -4.21 -23.45 -0.49
CA ARG B 141 -5.02 -24.59 -0.06
C ARG B 141 -5.11 -24.66 1.46
N ARG B 142 -3.96 -24.59 2.14
CA ARG B 142 -3.94 -24.63 3.60
C ARG B 142 -4.78 -23.51 4.19
N MET B 143 -4.66 -22.30 3.65
CA MET B 143 -5.47 -21.19 4.14
C MET B 143 -6.96 -21.44 3.89
N LYS B 144 -7.28 -22.15 2.80
CA LYS B 144 -8.69 -22.41 2.49
C LYS B 144 -9.31 -23.38 3.49
N GLU B 145 -8.69 -24.56 3.67
CA GLU B 145 -9.26 -25.52 4.60
C GLU B 145 -9.06 -25.11 6.06
N GLN B 146 -8.16 -24.17 6.33
CA GLN B 146 -8.11 -23.61 7.68
C GLN B 146 -9.36 -22.80 7.98
N GLY B 147 -9.94 -22.18 6.96
CA GLY B 147 -11.19 -21.44 7.13
C GLY B 147 -11.09 -20.15 7.89
N ARG B 148 -9.88 -19.67 8.17
CA ARG B 148 -9.68 -18.41 8.90
C ARG B 148 -9.05 -17.34 8.03
N GLY B 149 -9.03 -17.52 6.71
CA GLY B 149 -8.47 -16.50 5.84
C GLY B 149 -6.96 -16.57 5.75
N GLY B 150 -6.38 -15.49 5.26
CA GLY B 150 -4.95 -15.41 5.10
C GLY B 150 -4.56 -14.28 4.18
N ALA B 151 -3.25 -14.11 4.04
CA ALA B 151 -2.66 -13.08 3.19
C ALA B 151 -1.56 -13.68 2.35
N ILE B 152 -1.46 -13.24 1.10
CA ILE B 152 -0.42 -13.69 0.18
C ILE B 152 0.21 -12.45 -0.44
N ILE B 153 1.54 -12.36 -0.36
CA ILE B 153 2.27 -11.24 -0.91
C ILE B 153 3.34 -11.78 -1.86
N ALA B 154 3.28 -11.36 -3.12
CA ALA B 154 4.30 -11.70 -4.10
C ALA B 154 5.21 -10.51 -4.32
N VAL B 155 6.52 -10.74 -4.23
CA VAL B 155 7.51 -9.71 -4.50
C VAL B 155 7.81 -9.75 -6.00
N SER B 156 7.14 -8.89 -6.77
CA SER B 156 7.50 -8.72 -8.17
C SER B 156 8.38 -7.47 -8.25
N SER B 157 8.27 -6.67 -9.30
CA SER B 157 9.22 -5.58 -9.50
C SER B 157 8.54 -4.35 -10.08
N ILE B 158 9.23 -3.21 -9.95
CA ILE B 158 8.87 -2.03 -10.73
C ILE B 158 8.89 -2.37 -12.21
N SER B 159 9.73 -3.32 -12.61
CA SER B 159 9.79 -3.83 -13.98
C SER B 159 8.54 -4.59 -14.38
N ALA B 160 7.57 -4.78 -13.47
CA ALA B 160 6.26 -5.26 -13.88
C ALA B 160 5.47 -4.19 -14.61
N LEU B 161 5.88 -2.92 -14.48
CA LEU B 161 5.20 -1.80 -15.12
C LEU B 161 6.01 -1.16 -16.24
N VAL B 162 7.33 -1.37 -16.28
CA VAL B 162 8.17 -0.82 -17.33
C VAL B 162 8.94 -1.96 -17.98
N GLY B 163 9.96 -1.62 -18.77
CA GLY B 163 10.78 -2.61 -19.42
C GLY B 163 12.22 -2.56 -18.95
N GLY B 164 13.02 -3.45 -19.53
CA GLY B 164 14.44 -3.51 -19.26
C GLY B 164 15.17 -4.24 -20.37
N ALA B 165 16.11 -3.57 -21.03
CA ALA B 165 16.73 -4.13 -22.23
C ALA B 165 17.38 -5.47 -21.96
N MET B 166 18.00 -5.61 -20.79
CA MET B 166 18.67 -6.84 -20.40
C MET B 166 17.82 -7.70 -19.49
N GLN B 167 16.49 -7.55 -19.58
CA GLN B 167 15.57 -8.27 -18.70
C GLN B 167 14.34 -8.76 -19.47
N THR B 168 14.50 -9.08 -20.76
CA THR B 168 13.37 -9.58 -21.53
C THR B 168 12.88 -10.92 -21.01
N HIS B 169 13.75 -11.69 -20.38
CA HIS B 169 13.37 -12.93 -19.72
C HIS B 169 12.92 -12.72 -18.28
N TYR B 170 13.18 -11.55 -17.71
CA TYR B 170 12.89 -11.26 -16.31
C TYR B 170 11.58 -10.52 -16.11
N THR B 171 11.39 -9.41 -16.81
CA THR B 171 10.19 -8.60 -16.60
C THR B 171 8.88 -9.35 -16.85
N PRO B 172 8.76 -10.27 -17.80
CA PRO B 172 7.48 -11.00 -17.93
C PRO B 172 7.16 -11.86 -16.73
N THR B 173 8.17 -12.43 -16.07
CA THR B 173 7.91 -13.21 -14.86
C THR B 173 7.42 -12.30 -13.73
N LYS B 174 7.94 -11.07 -13.66
CA LYS B 174 7.50 -10.15 -12.62
C LYS B 174 6.11 -9.58 -12.93
N ALA B 175 5.84 -9.29 -14.20
CA ALA B 175 4.49 -8.89 -14.58
C ALA B 175 3.52 -10.07 -14.44
N GLY B 176 4.01 -11.29 -14.60
CA GLY B 176 3.17 -12.46 -14.38
C GLY B 176 2.88 -12.70 -12.91
N LEU B 177 3.82 -12.35 -12.02
CA LEU B 177 3.57 -12.45 -10.59
C LEU B 177 2.48 -11.48 -10.17
N LEU B 178 2.50 -10.25 -10.70
CA LEU B 178 1.44 -9.29 -10.45
C LEU B 178 0.10 -9.85 -10.91
N SER B 179 0.04 -10.27 -12.17
CA SER B 179 -1.22 -10.79 -12.72
C SER B 179 -1.71 -12.01 -11.95
N LEU B 180 -0.78 -12.84 -11.47
CA LEU B 180 -1.16 -13.98 -10.64
C LEU B 180 -1.90 -13.52 -9.39
N MET B 181 -1.36 -12.53 -8.70
CA MET B 181 -2.05 -11.99 -7.53
C MET B 181 -3.40 -11.39 -7.88
N GLN B 182 -3.55 -10.85 -9.09
CA GLN B 182 -4.84 -10.30 -9.50
C GLN B 182 -5.87 -11.40 -9.68
N SER B 183 -5.51 -12.46 -10.41
CA SER B 183 -6.46 -13.55 -10.61
C SER B 183 -6.65 -14.36 -9.33
N CYS B 184 -5.57 -14.62 -8.59
CA CYS B 184 -5.72 -15.35 -7.33
C CYS B 184 -6.57 -14.57 -6.35
N ALA B 185 -6.56 -13.24 -6.43
CA ALA B 185 -7.43 -12.45 -5.57
C ALA B 185 -8.90 -12.78 -5.83
N ILE B 186 -9.25 -13.08 -7.09
CA ILE B 186 -10.64 -13.40 -7.42
C ILE B 186 -10.98 -14.82 -6.98
N ALA B 187 -10.09 -15.78 -7.29
CA ALA B 187 -10.38 -17.17 -6.95
C ALA B 187 -10.42 -17.40 -5.44
N LEU B 188 -9.58 -16.71 -4.69
CA LEU B 188 -9.48 -16.91 -3.25
C LEU B 188 -10.21 -15.87 -2.43
N GLY B 189 -10.75 -14.83 -3.08
CA GLY B 189 -11.52 -13.81 -2.40
C GLY B 189 -12.58 -14.31 -1.45
N PRO B 190 -13.49 -15.18 -1.93
CA PRO B 190 -14.56 -15.68 -1.06
C PRO B 190 -14.06 -16.42 0.17
N TYR B 191 -12.80 -16.83 0.21
CA TYR B 191 -12.25 -17.55 1.34
C TYR B 191 -11.41 -16.68 2.26
N GLY B 192 -11.50 -15.36 2.11
CA GLY B 192 -10.76 -14.45 2.96
C GLY B 192 -9.27 -14.40 2.70
N ILE B 193 -8.80 -15.03 1.61
CA ILE B 193 -7.38 -15.04 1.26
C ILE B 193 -7.11 -13.87 0.33
N ARG B 194 -6.52 -12.80 0.89
CA ARG B 194 -6.13 -11.64 0.12
C ARG B 194 -4.74 -11.86 -0.49
N CYS B 195 -4.60 -11.52 -1.78
CA CYS B 195 -3.36 -11.68 -2.52
C CYS B 195 -2.93 -10.33 -3.09
N ASN B 196 -1.70 -9.92 -2.80
CA ASN B 196 -1.20 -8.62 -3.24
C ASN B 196 0.26 -8.74 -3.65
N ALA B 197 0.76 -7.70 -4.31
CA ALA B 197 2.13 -7.69 -4.80
C ALA B 197 2.81 -6.40 -4.36
N VAL B 198 4.05 -6.53 -3.93
CA VAL B 198 4.92 -5.36 -3.73
C VAL B 198 5.82 -5.24 -4.94
N LEU B 199 6.02 -4.00 -5.40
CA LEU B 199 6.87 -3.69 -6.55
C LEU B 199 8.01 -2.81 -6.06
N PRO B 200 9.07 -3.39 -5.52
CA PRO B 200 10.20 -2.57 -5.09
C PRO B 200 10.91 -1.94 -6.28
N GLY B 201 11.54 -0.80 -6.02
CA GLY B 201 12.32 -0.13 -7.05
C GLY B 201 13.74 -0.63 -7.07
N THR B 202 14.70 0.28 -7.03
CA THR B 202 16.12 -0.07 -7.00
C THR B 202 16.52 -0.29 -5.53
N ILE B 203 16.68 -1.55 -5.15
CA ILE B 203 17.08 -1.92 -3.80
C ILE B 203 18.52 -2.39 -3.84
N ALA B 204 19.37 -1.77 -3.01
CA ALA B 204 20.81 -2.08 -2.98
C ALA B 204 20.99 -3.47 -2.38
N THR B 205 20.76 -4.49 -3.21
CA THR B 205 20.89 -5.88 -2.78
C THR B 205 21.96 -6.59 -3.58
N ASP B 206 21.91 -7.93 -3.59
CA ASP B 206 22.88 -8.72 -4.34
C ASP B 206 22.50 -8.83 -5.82
N ILE B 207 21.22 -8.72 -6.14
CA ILE B 207 20.79 -8.77 -7.53
C ILE B 207 21.36 -7.58 -8.30
N ASN B 208 21.39 -6.42 -7.68
CA ASN B 208 21.92 -5.20 -8.29
C ASN B 208 23.38 -4.93 -7.90
N LYS B 209 24.06 -5.93 -7.34
CA LYS B 209 25.43 -5.70 -6.85
C LYS B 209 26.39 -5.45 -8.01
N GLU B 210 26.26 -6.20 -9.10
CA GLU B 210 27.17 -6.05 -10.23
C GLU B 210 27.12 -4.65 -10.82
N ASP B 211 25.95 -4.01 -10.79
CA ASP B 211 25.84 -2.63 -11.27
C ASP B 211 26.38 -1.65 -10.23
N LEU B 212 26.06 -1.86 -8.96
CA LEU B 212 26.52 -0.97 -7.90
C LEU B 212 28.00 -1.18 -7.59
N SER B 213 28.54 -2.38 -7.82
CA SER B 213 29.97 -2.60 -7.65
C SER B 213 30.79 -1.81 -8.65
N ASP B 214 30.17 -1.31 -9.72
CA ASP B 214 30.86 -0.39 -10.63
C ASP B 214 30.97 0.99 -10.00
N LEU B 215 29.94 1.42 -9.27
CA LEU B 215 29.87 2.73 -8.63
C LEU B 215 30.05 3.88 -9.62
N GLU B 216 29.84 3.63 -10.90
CA GLU B 216 29.90 4.67 -11.92
C GLU B 216 28.55 5.28 -12.18
N LYS B 217 27.50 4.46 -12.30
CA LYS B 217 26.15 4.94 -12.49
C LYS B 217 25.26 4.69 -11.28
N ARG B 218 25.83 4.19 -10.17
CA ARG B 218 25.11 4.23 -8.90
C ARG B 218 24.80 5.67 -8.51
N GLU B 219 25.75 6.57 -8.73
CA GLU B 219 25.49 7.99 -8.56
C GLU B 219 24.40 8.47 -9.52
N ARG B 220 24.30 7.84 -10.70
CA ARG B 220 23.21 8.15 -11.62
C ARG B 220 21.94 7.39 -11.25
N MET B 221 22.09 6.21 -10.64
CA MET B 221 20.92 5.50 -10.13
C MET B 221 20.24 6.30 -9.02
N THR B 222 21.03 6.80 -8.07
CA THR B 222 20.47 7.60 -6.98
C THR B 222 19.87 8.90 -7.49
N SER B 223 20.47 9.48 -8.53
CA SER B 223 19.95 10.73 -9.09
C SER B 223 18.50 10.60 -9.51
N ARG B 224 18.07 9.42 -9.94
CA ARG B 224 16.71 9.25 -10.47
C ARG B 224 15.66 9.04 -9.38
N VAL B 225 16.07 8.71 -8.15
CA VAL B 225 15.13 8.40 -7.07
C VAL B 225 14.78 9.71 -6.36
N PRO B 226 13.53 10.15 -6.38
CA PRO B 226 13.17 11.42 -5.71
C PRO B 226 13.49 11.46 -4.23
N LEU B 227 13.44 10.33 -3.54
CA LEU B 227 13.80 10.32 -2.12
C LEU B 227 15.30 10.48 -1.88
N GLY B 228 16.10 10.58 -2.94
CA GLY B 228 17.50 10.89 -2.78
C GLY B 228 18.38 9.78 -2.25
N ARG B 229 17.93 8.54 -2.31
CA ARG B 229 18.71 7.41 -1.83
C ARG B 229 18.17 6.13 -2.44
N LEU B 230 19.02 5.11 -2.45
CA LEU B 230 18.62 3.80 -2.94
C LEU B 230 17.87 3.03 -1.86
N GLY B 231 17.15 2.00 -2.28
CA GLY B 231 16.43 1.17 -1.33
C GLY B 231 17.32 0.15 -0.67
N GLU B 232 16.97 -0.21 0.56
CA GLU B 232 17.58 -1.30 1.30
C GLU B 232 16.48 -2.25 1.74
N PRO B 233 16.81 -3.53 1.97
CA PRO B 233 15.75 -4.53 2.22
C PRO B 233 14.73 -4.16 3.29
N ASP B 234 15.13 -3.45 4.35
CA ASP B 234 14.18 -3.05 5.38
C ASP B 234 13.19 -1.99 4.89
N ASP B 235 13.38 -1.44 3.69
CA ASP B 235 12.36 -0.58 3.11
C ASP B 235 11.13 -1.39 2.68
N LEU B 236 11.32 -2.67 2.40
CA LEU B 236 10.24 -3.56 2.00
C LEU B 236 9.61 -4.27 3.19
N ALA B 237 10.21 -4.18 4.37
CA ALA B 237 9.67 -4.88 5.54
C ALA B 237 8.33 -4.28 5.96
N GLY B 238 8.28 -2.97 6.17
CA GLY B 238 7.07 -2.27 6.53
C GLY B 238 5.89 -2.55 5.62
N PRO B 239 6.07 -2.34 4.31
CA PRO B 239 4.95 -2.59 3.39
C PRO B 239 4.49 -4.05 3.33
N ILE B 240 5.42 -5.00 3.45
CA ILE B 240 5.03 -6.40 3.35
C ILE B 240 4.22 -6.83 4.57
N VAL B 241 4.64 -6.42 5.77
CA VAL B 241 3.89 -6.77 6.97
C VAL B 241 2.57 -6.01 7.03
N PHE B 242 2.51 -4.82 6.42
CA PHE B 242 1.24 -4.12 6.32
C PHE B 242 0.25 -4.94 5.50
N LEU B 243 0.69 -5.43 4.34
CA LEU B 243 -0.16 -6.25 3.50
C LEU B 243 -0.54 -7.58 4.15
N ALA B 244 0.25 -8.04 5.11
CA ALA B 244 -0.04 -9.28 5.81
C ALA B 244 -0.92 -9.09 7.04
N SER B 245 -1.21 -7.85 7.42
CA SER B 245 -1.89 -7.54 8.66
C SER B 245 -3.36 -7.22 8.44
N ASP B 246 -4.07 -7.00 9.54
CA ASP B 246 -5.46 -6.58 9.50
C ASP B 246 -5.61 -5.11 9.12
N MET B 247 -4.52 -4.36 9.06
CA MET B 247 -4.58 -3.01 8.51
C MET B 247 -4.97 -3.02 7.05
N ALA B 248 -4.77 -4.13 6.35
CA ALA B 248 -5.10 -4.25 4.94
C ALA B 248 -6.17 -5.32 4.73
N ARG B 249 -7.21 -5.31 5.58
CA ARG B 249 -8.23 -6.36 5.51
C ARG B 249 -9.06 -6.26 4.23
N TYR B 250 -9.19 -5.07 3.65
CA TYR B 250 -9.95 -4.85 2.42
C TYR B 250 -9.04 -4.66 1.20
N VAL B 251 -7.79 -5.10 1.29
CA VAL B 251 -6.82 -4.90 0.23
C VAL B 251 -6.48 -6.26 -0.37
N THR B 252 -6.92 -6.48 -1.61
CA THR B 252 -6.56 -7.68 -2.35
C THR B 252 -6.58 -7.36 -3.85
N GLY B 253 -5.75 -8.07 -4.60
CA GLY B 253 -5.58 -7.74 -6.00
C GLY B 253 -4.88 -6.42 -6.26
N ALA B 254 -4.12 -5.93 -5.29
CA ALA B 254 -3.47 -4.65 -5.41
C ALA B 254 -1.96 -4.81 -5.53
N SER B 255 -1.32 -3.85 -6.19
CA SER B 255 0.12 -3.72 -6.17
C SER B 255 0.48 -2.46 -5.40
N LEU B 256 1.70 -2.43 -4.88
CA LEU B 256 2.18 -1.28 -4.13
C LEU B 256 3.62 -1.03 -4.50
N LEU B 257 3.88 0.14 -5.08
CA LEU B 257 5.23 0.54 -5.44
C LEU B 257 6.01 0.94 -4.20
N VAL B 258 7.17 0.32 -3.98
CA VAL B 258 8.07 0.72 -2.91
C VAL B 258 9.40 1.10 -3.55
N ASP B 259 9.46 2.31 -4.12
CA ASP B 259 10.59 2.70 -4.95
C ASP B 259 11.13 4.09 -4.67
N GLY B 260 10.62 4.77 -3.64
CA GLY B 260 11.10 6.12 -3.40
C GLY B 260 10.78 7.12 -4.49
N GLY B 261 9.77 6.84 -5.31
CA GLY B 261 9.36 7.74 -6.36
C GLY B 261 10.00 7.46 -7.71
N LEU B 262 10.77 6.38 -7.83
CA LEU B 262 11.51 6.12 -9.07
C LEU B 262 10.58 6.00 -10.27
N PHE B 263 9.42 5.34 -10.08
CA PHE B 263 8.53 5.09 -11.21
C PHE B 263 7.96 6.38 -11.77
N VAL B 264 7.52 7.29 -10.91
CA VAL B 264 6.88 8.51 -11.39
C VAL B 264 7.88 9.55 -11.89
N ASN B 265 9.16 9.42 -11.53
CA ASN B 265 10.16 10.43 -11.86
C ASN B 265 10.60 10.24 -13.31
N LEU B 266 9.86 10.86 -14.22
CA LEU B 266 10.19 10.80 -15.63
C LEU B 266 11.29 11.81 -15.97
N GLN B 267 12.21 11.39 -16.82
CA GLN B 267 13.28 12.27 -17.29
C GLN B 267 13.40 12.23 -18.80
PA NAD C . -18.96 11.22 2.65
O1A NAD C . -19.38 11.40 1.23
O2A NAD C . -20.15 10.81 3.48
O5B NAD C . -18.35 12.67 3.21
C5B NAD C . -17.38 13.30 2.43
C4B NAD C . -16.61 14.35 3.31
O4B NAD C . -16.18 15.31 2.58
C3B NAD C . -17.59 14.96 4.33
O3B NAD C . -17.20 14.67 5.59
C2B NAD C . -17.58 16.48 4.07
O2B NAD C . -17.46 17.24 5.39
C1B NAD C . -16.54 16.70 3.36
N9A NAD C . -16.80 17.75 2.39
C8A NAD C . -17.63 17.68 1.34
N7A NAD C . -17.57 18.86 0.71
C5A NAD C . -16.72 19.65 1.36
C6A NAD C . -16.30 20.94 1.14
N6A NAD C . -16.67 21.88 0.09
N1A NAD C . -15.41 21.51 1.96
C2A NAD C . -14.92 20.82 3.01
N3A NAD C . -15.33 19.54 3.24
C4A NAD C . -16.23 18.96 2.40
O3 NAD C . -17.78 10.08 2.77
PN NAD C . -16.67 9.75 1.55
O1N NAD C . -17.35 9.73 0.21
O2N NAD C . -16.08 8.39 1.80
O5D NAD C . -15.50 10.87 1.50
C5D NAD C . -14.15 10.45 1.57
C4D NAD C . -13.48 10.43 0.17
O4D NAD C . -13.53 9.22 -0.32
C3D NAD C . -14.20 11.35 -0.85
O3D NAD C . -13.40 12.37 -1.20
C2D NAD C . -14.47 10.45 -2.09
O2D NAD C . -14.11 11.19 -3.35
C1D NAD C . -13.68 9.40 -1.93
N1N NAD C . -14.21 8.20 -2.45
C2N NAD C . -15.30 7.56 -1.84
C3N NAD C . -15.78 6.35 -2.38
C7N NAD C . -16.96 5.63 -1.76
O7N NAD C . -17.52 4.78 -2.38
N7N NAD C . -17.41 5.96 -0.37
C4N NAD C . -15.20 5.79 -3.48
C5N NAD C . -14.12 6.42 -4.08
C6N NAD C . -13.62 7.63 -3.54
PA NAD D . 18.86 -11.57 -3.74
O1A NAD D . 19.25 -11.44 -2.29
O2A NAD D . 20.06 -11.98 -4.55
O5B NAD D . 17.67 -12.71 -3.91
C5B NAD D . 16.79 -12.91 -2.83
C4B NAD D . 16.61 -14.44 -2.52
O4B NAD D . 16.23 -15.11 -3.56
C3B NAD D . 17.97 -15.06 -2.11
O3B NAD D . 17.95 -15.43 -0.81
C2B NAD D . 18.11 -16.29 -3.03
O2B NAD D . 18.80 -17.44 -2.30
C1B NAD D . 16.88 -16.57 -3.27
N9A NAD D . 16.73 -17.50 -4.38
C8A NAD D . 17.16 -17.35 -5.64
N7A NAD D . 16.82 -18.44 -6.32
C5A NAD D . 16.17 -19.28 -5.48
C6A NAD D . 15.62 -20.51 -5.65
N6A NAD D . 15.54 -21.37 -6.82
N1A NAD D . 15.04 -21.13 -4.61
C2A NAD D . 14.99 -20.54 -3.40
N3A NAD D . 15.53 -19.31 -3.23
C4A NAD D . 16.13 -18.69 -4.27
O3 NAD D . 18.30 -10.12 -4.27
PN NAD D . 16.80 -9.49 -3.90
O1N NAD D . 16.73 -8.04 -4.35
O2N NAD D . 16.57 -9.57 -2.42
O5D NAD D . 15.64 -10.34 -4.67
C5D NAD D . 14.45 -10.64 -3.95
C4D NAD D . 13.23 -10.58 -4.89
O4D NAD D . 12.90 -9.32 -5.08
C3D NAD D . 13.59 -11.17 -6.28
O3D NAD D . 12.63 -12.03 -6.68
C2D NAD D . 13.64 -9.93 -7.24
O2D NAD D . 13.17 -10.33 -8.61
C1D NAD D . 12.80 -9.08 -6.68
N1N NAD D . 13.12 -7.74 -6.97
C2N NAD D . 14.39 -7.23 -6.75
C3N NAD D . 14.65 -5.87 -7.05
C7N NAD D . 16.02 -5.27 -6.84
O7N NAD D . 16.10 -4.12 -6.56
N7N NAD D . 17.25 -6.11 -6.96
C4N NAD D . 13.66 -5.06 -7.55
C5N NAD D . 12.41 -5.57 -7.76
C6N NAD D . 12.13 -6.93 -7.46
#